data_5FEU
#
_entry.id   5FEU
#
_cell.length_a   60.377
_cell.length_b   60.377
_cell.length_c   136.142
_cell.angle_alpha   90.00
_cell.angle_beta   90.00
_cell.angle_gamma   90.00
#
_symmetry.space_group_name_H-M   'P 42 2 2'
#
loop_
_entity.id
_entity.type
_entity.pdbx_description
1 polymer 'Noroxomaritidine/Norcraugsodine Reductase'
2 non-polymer 'NADP NICOTINAMIDE-ADENINE-DINUCLEOTIDE PHOSPHATE'
3 water water
#
_entity_poly.entity_id   1
_entity_poly.type   'polypeptide(L)'
_entity_poly.pdbx_seq_one_letter_code
;MGSSHHHHHHSSGLVPRGSHMASMTGGQQMGRGSMSLEKRWSLEGTTALVTGGTKGIGHAIVEELVGFGARVYTCSRNEA
ELRKCLQEWENLKYDVTGSVCDVSSRTEREKLAEEVSSVFNGKLNILINNAGGYVNKPIDGFTAEDFSFLVAVNLESAFH
LCQLAHPMLKASGTGSIVHISSCCAQIAIPGHSIYSSTKGAINQLTRNLACEWAKDNIRTNSIAPGAIRTPGTESFVIDK
DALDREVSRVPFGRIGEPEEVASLAAFLCMPSASYITGQVICVDGGRTING
;
_entity_poly.pdbx_strand_id   A
#
loop_
_chem_comp.id
_chem_comp.type
_chem_comp.name
_chem_comp.formula
NAP non-polymer 'NADP NICOTINAMIDE-ADENINE-DINUCLEOTIDE PHOSPHATE' 'C21 H28 N7 O17 P3'
#
# COMPACT_ATOMS: atom_id res chain seq x y z
N SER A 36 1.70 11.55 25.10
CA SER A 36 3.11 11.52 25.37
C SER A 36 3.83 10.91 24.18
N LEU A 37 5.11 11.14 24.11
CA LEU A 37 5.84 10.78 22.94
C LEU A 37 5.80 9.29 22.69
N GLU A 38 5.93 8.52 23.75
CA GLU A 38 6.04 7.10 23.59
C GLU A 38 4.82 6.52 22.90
N LYS A 39 3.65 6.95 23.33
CA LYS A 39 2.41 6.49 22.76
C LYS A 39 2.17 6.96 21.33
N ARG A 40 2.51 8.20 21.06
CA ARG A 40 2.34 8.80 19.75
C ARG A 40 3.15 8.07 18.69
N TRP A 41 4.28 7.51 19.07
CA TRP A 41 5.09 6.82 18.14
C TRP A 41 5.03 5.32 18.25
N SER A 42 3.86 4.79 18.52
CA SER A 42 3.69 3.36 18.71
C SER A 42 2.51 2.82 17.95
N LEU A 43 2.61 1.56 17.53
CA LEU A 43 1.50 0.85 16.92
C LEU A 43 1.11 -0.35 17.78
N GLU A 44 1.45 -0.29 19.07
CA GLU A 44 1.12 -1.37 19.98
C GLU A 44 -0.38 -1.52 20.08
N GLY A 45 -0.86 -2.76 19.95
CA GLY A 45 -2.27 -3.05 20.09
C GLY A 45 -3.09 -2.78 18.85
N THR A 46 -2.43 -2.41 17.76
CA THR A 46 -3.13 -2.17 16.50
C THR A 46 -3.21 -3.43 15.63
N THR A 47 -4.18 -3.43 14.71
CA THR A 47 -4.32 -4.50 13.72
C THR A 47 -4.21 -3.91 12.30
N ALA A 48 -3.62 -4.68 11.39
CA ALA A 48 -3.30 -4.18 10.06
C ALA A 48 -3.47 -5.22 8.97
N LEU A 49 -3.95 -4.76 7.82
CA LEU A 49 -3.98 -5.58 6.61
C LEU A 49 -3.04 -4.96 5.58
N VAL A 50 -2.05 -5.73 5.14
CA VAL A 50 -1.14 -5.29 4.08
C VAL A 50 -1.26 -6.24 2.88
N THR A 51 -1.70 -5.73 1.72
CA THR A 51 -1.85 -6.62 0.57
C THR A 51 -0.49 -6.77 -0.13
N GLY A 52 -0.17 -7.98 -0.58
CA GLY A 52 1.07 -8.21 -1.30
C GLY A 52 2.31 -8.12 -0.42
N GLY A 53 2.33 -8.89 0.66
CA GLY A 53 3.39 -8.73 1.66
C GLY A 53 4.53 -9.73 1.58
N THR A 54 4.62 -10.49 0.50
CA THR A 54 5.63 -11.57 0.44
C THR A 54 6.94 -11.13 -0.21
N LYS A 55 6.94 -9.94 -0.81
CA LYS A 55 8.10 -9.45 -1.54
C LYS A 55 8.17 -7.94 -1.47
N GLY A 56 9.34 -7.40 -1.81
CA GLY A 56 9.50 -5.99 -2.08
C GLY A 56 8.98 -5.06 -1.02
N ILE A 57 8.27 -4.02 -1.45
CA ILE A 57 7.80 -2.97 -0.54
C ILE A 57 6.83 -3.51 0.51
N GLY A 58 5.88 -4.33 0.06
CA GLY A 58 4.92 -4.92 0.98
C GLY A 58 5.57 -5.73 2.09
N HIS A 59 6.61 -6.48 1.77
CA HIS A 59 7.32 -7.28 2.77
C HIS A 59 7.98 -6.37 3.80
N ALA A 60 8.52 -5.25 3.33
CA ALA A 60 9.17 -4.29 4.20
C ALA A 60 8.15 -3.63 5.13
N ILE A 61 6.98 -3.35 4.58
CA ILE A 61 5.91 -2.73 5.34
C ILE A 61 5.40 -3.65 6.45
N VAL A 62 5.20 -4.93 6.16
CA VAL A 62 4.82 -5.87 7.21
C VAL A 62 5.81 -5.85 8.37
N GLU A 63 7.10 -5.92 8.07
CA GLU A 63 8.11 -5.98 9.13
C GLU A 63 8.20 -4.67 9.91
N GLU A 64 8.01 -3.55 9.22
CA GLU A 64 8.06 -2.25 9.89
C GLU A 64 6.89 -2.14 10.87
N LEU A 65 5.71 -2.55 10.43
CA LEU A 65 4.51 -2.48 11.26
C LEU A 65 4.61 -3.36 12.50
N VAL A 66 5.04 -4.61 12.33
CA VAL A 66 5.18 -5.51 13.48
C VAL A 66 6.28 -5.01 14.40
N GLY A 67 7.25 -4.29 13.85
CA GLY A 67 8.34 -3.72 14.62
C GLY A 67 7.84 -2.71 15.64
N PHE A 68 6.71 -2.08 15.33
CA PHE A 68 6.12 -1.10 16.24
C PHE A 68 4.93 -1.67 17.00
N GLY A 69 4.75 -2.98 16.88
CA GLY A 69 3.83 -3.71 17.73
C GLY A 69 2.50 -4.08 17.12
N ALA A 70 2.34 -3.83 15.82
CA ALA A 70 1.08 -4.16 15.15
C ALA A 70 0.92 -5.67 14.94
N ARG A 71 -0.33 -6.12 14.93
CA ARG A 71 -0.65 -7.46 14.45
C ARG A 71 -1.03 -7.34 12.99
N VAL A 72 -0.35 -8.09 12.13
CA VAL A 72 -0.53 -7.91 10.68
C VAL A 72 -1.14 -9.13 9.99
N TYR A 73 -2.07 -8.85 9.08
CA TYR A 73 -2.60 -9.85 8.15
C TYR A 73 -2.10 -9.50 6.75
N THR A 74 -1.61 -10.47 6.00
CA THR A 74 -1.13 -10.16 4.65
C THR A 74 -1.54 -11.26 3.66
N CYS A 75 -1.21 -11.05 2.39
CA CYS A 75 -1.61 -11.99 1.34
C CYS A 75 -0.72 -11.89 0.11
N SER A 76 -0.82 -12.90 -0.75
CA SER A 76 -0.22 -12.86 -2.08
C SER A 76 -0.91 -13.97 -2.87
N ARG A 77 -0.62 -14.05 -4.17
CA ARG A 77 -1.23 -15.07 -5.02
C ARG A 77 -0.48 -16.41 -4.92
N ASN A 78 0.69 -16.39 -4.30
CA ASN A 78 1.57 -17.56 -4.30
C ASN A 78 1.55 -18.28 -2.96
N GLU A 79 0.95 -19.47 -2.95
CA GLU A 79 0.77 -20.22 -1.72
C GLU A 79 2.10 -20.59 -1.07
N ALA A 80 3.04 -21.05 -1.87
CA ALA A 80 4.33 -21.54 -1.36
C ALA A 80 5.21 -20.42 -0.79
N GLU A 81 5.15 -19.25 -1.41
CA GLU A 81 5.95 -18.12 -0.95
C GLU A 81 5.37 -17.51 0.31
N LEU A 82 4.04 -17.49 0.39
CA LEU A 82 3.36 -16.99 1.56
C LEU A 82 3.63 -17.85 2.81
N ARG A 83 3.57 -19.17 2.69
CA ARG A 83 3.83 -20.03 3.84
C ARG A 83 5.29 -19.87 4.30
N LYS A 84 6.20 -19.72 3.35
CA LYS A 84 7.61 -19.52 3.67
C LYS A 84 7.81 -18.22 4.45
N CYS A 85 7.13 -17.15 4.01
CA CYS A 85 7.20 -15.87 4.71
C CYS A 85 6.59 -15.96 6.10
N LEU A 86 5.42 -16.57 6.20
CA LEU A 86 4.73 -16.72 7.47
C LEU A 86 5.53 -17.54 8.47
N GLN A 87 6.20 -18.59 7.97
CA GLN A 87 7.02 -19.44 8.83
C GLN A 87 8.22 -18.68 9.39
N GLU A 88 8.87 -17.89 8.54
CA GLU A 88 10.00 -17.07 8.96
C GLU A 88 9.58 -16.07 10.02
N TRP A 89 8.42 -15.45 9.82
CA TRP A 89 7.90 -14.47 10.76
C TRP A 89 7.50 -15.13 12.08
N GLU A 90 6.92 -16.33 12.03
CA GLU A 90 6.55 -17.00 13.27
C GLU A 90 7.81 -17.41 14.03
N ASN A 91 8.86 -17.79 13.30
CA ASN A 91 10.14 -18.11 13.92
C ASN A 91 10.68 -16.92 14.71
N LEU A 92 10.41 -15.73 14.22
CA LEU A 92 10.86 -14.49 14.85
C LEU A 92 9.86 -13.96 15.87
N LYS A 93 8.80 -14.73 16.10
CA LYS A 93 7.72 -14.39 17.04
C LYS A 93 6.96 -13.11 16.68
N TYR A 94 6.94 -12.76 15.40
CA TYR A 94 6.08 -11.69 14.92
C TYR A 94 4.65 -12.23 14.81
N ASP A 95 3.66 -11.39 15.12
CA ASP A 95 2.26 -11.80 14.97
C ASP A 95 1.77 -11.44 13.56
N VAL A 96 2.08 -12.31 12.60
CA VAL A 96 1.63 -12.14 11.24
C VAL A 96 0.87 -13.37 10.78
N THR A 97 -0.31 -13.17 10.21
CA THR A 97 -1.05 -14.28 9.61
C THR A 97 -1.41 -13.89 8.17
N GLY A 98 -1.86 -14.86 7.39
CA GLY A 98 -2.20 -14.53 6.01
C GLY A 98 -2.84 -15.64 5.22
N SER A 99 -3.38 -15.29 4.07
CA SER A 99 -3.99 -16.28 3.19
C SER A 99 -3.72 -15.92 1.73
N VAL A 100 -3.86 -16.90 0.86
CA VAL A 100 -3.73 -16.65 -0.58
C VAL A 100 -4.90 -15.86 -1.09
N CYS A 101 -4.61 -14.75 -1.76
CA CYS A 101 -5.64 -13.92 -2.32
C CYS A 101 -5.11 -13.13 -3.51
N ASP A 102 -5.83 -13.23 -4.62
CA ASP A 102 -5.61 -12.40 -5.79
C ASP A 102 -6.54 -11.19 -5.64
N VAL A 103 -5.99 -10.03 -5.27
CA VAL A 103 -6.82 -8.87 -5.00
C VAL A 103 -7.48 -8.29 -6.26
N SER A 104 -7.15 -8.83 -7.44
CA SER A 104 -7.81 -8.40 -8.67
C SER A 104 -9.16 -9.12 -8.86
N SER A 105 -9.44 -10.08 -7.98
CA SER A 105 -10.71 -10.81 -8.03
C SER A 105 -11.68 -10.32 -6.98
N ARG A 106 -12.87 -9.93 -7.40
CA ARG A 106 -13.88 -9.44 -6.46
C ARG A 106 -14.25 -10.46 -5.38
N THR A 107 -14.49 -11.69 -5.80
CA THR A 107 -14.87 -12.74 -4.86
C THR A 107 -13.77 -12.99 -3.83
N GLU A 108 -12.52 -12.94 -4.28
CA GLU A 108 -11.41 -13.16 -3.38
C GLU A 108 -11.21 -11.99 -2.42
N ARG A 109 -11.45 -10.77 -2.90
CA ARG A 109 -11.39 -9.60 -2.02
C ARG A 109 -12.43 -9.71 -0.91
N GLU A 110 -13.63 -10.13 -1.27
CA GLU A 110 -14.71 -10.29 -0.31
C GLU A 110 -14.35 -11.35 0.73
N LYS A 111 -13.77 -12.46 0.26
CA LYS A 111 -13.33 -13.54 1.14
C LYS A 111 -12.21 -13.05 2.09
N LEU A 112 -11.29 -12.28 1.53
CA LEU A 112 -10.19 -11.74 2.31
C LEU A 112 -10.70 -10.84 3.43
N ALA A 113 -11.65 -9.96 3.10
CA ALA A 113 -12.15 -9.02 4.11
C ALA A 113 -12.90 -9.77 5.20
N GLU A 114 -13.53 -10.88 4.81
CA GLU A 114 -14.23 -11.75 5.75
C GLU A 114 -13.30 -12.39 6.77
N GLU A 115 -12.16 -12.92 6.30
CA GLU A 115 -11.23 -13.59 7.21
C GLU A 115 -10.59 -12.56 8.13
N VAL A 116 -10.13 -11.45 7.54
CA VAL A 116 -9.50 -10.40 8.34
C VAL A 116 -10.45 -9.95 9.45
N SER A 117 -11.70 -9.69 9.12
CA SER A 117 -12.66 -9.23 10.11
C SER A 117 -12.89 -10.27 11.21
N SER A 118 -12.88 -11.55 10.87
CA SER A 118 -13.02 -12.59 11.88
C SER A 118 -11.77 -12.70 12.76
N VAL A 119 -10.59 -12.76 12.15
CA VAL A 119 -9.32 -12.84 12.88
C VAL A 119 -9.11 -11.66 13.84
N PHE A 120 -9.53 -10.47 13.41
CA PHE A 120 -9.31 -9.26 14.20
C PHE A 120 -10.55 -8.83 14.98
N ASN A 121 -11.54 -9.71 15.04
CA ASN A 121 -12.80 -9.42 15.73
C ASN A 121 -13.46 -8.10 15.30
N GLY A 122 -13.40 -7.82 14.01
CA GLY A 122 -14.18 -6.73 13.44
C GLY A 122 -13.56 -5.36 13.60
N LYS A 123 -12.31 -5.32 14.06
CA LYS A 123 -11.62 -4.05 14.27
C LYS A 123 -10.30 -4.00 13.52
N LEU A 124 -10.21 -3.09 12.55
CA LEU A 124 -9.00 -2.93 11.75
C LEU A 124 -8.50 -1.49 11.87
N ASN A 125 -7.30 -1.33 12.42
CA ASN A 125 -6.69 0.00 12.51
C ASN A 125 -6.11 0.48 11.19
N ILE A 126 -5.54 -0.44 10.42
CA ILE A 126 -4.67 -0.11 9.31
C ILE A 126 -4.96 -0.91 8.06
N LEU A 127 -5.08 -0.21 6.92
CA LEU A 127 -5.17 -0.87 5.63
C LEU A 127 -4.11 -0.32 4.68
N ILE A 128 -3.20 -1.18 4.24
CA ILE A 128 -2.16 -0.79 3.29
CA ILE A 128 -2.17 -0.78 3.29
C ILE A 128 -2.41 -1.45 1.94
N ASN A 129 -2.84 -0.68 0.96
CA ASN A 129 -3.07 -1.19 -0.39
C ASN A 129 -1.78 -1.16 -1.18
N ASN A 130 -0.99 -2.22 -1.07
CA ASN A 130 0.34 -2.25 -1.67
C ASN A 130 0.38 -3.09 -2.96
N ALA A 131 -0.39 -4.18 -3.00
CA ALA A 131 -0.43 -5.02 -4.19
C ALA A 131 -0.72 -4.17 -5.42
N GLY A 132 0.05 -4.39 -6.47
CA GLY A 132 -0.15 -3.64 -7.70
C GLY A 132 0.28 -4.44 -8.90
N GLY A 133 0.18 -3.82 -10.07
CA GLY A 133 0.64 -4.44 -11.30
C GLY A 133 1.32 -3.42 -12.20
N TYR A 134 2.17 -3.92 -13.08
CA TYR A 134 2.99 -3.06 -13.92
C TYR A 134 3.10 -3.60 -15.34
N VAL A 135 2.81 -2.75 -16.31
CA VAL A 135 3.06 -3.04 -17.72
C VAL A 135 3.78 -1.83 -18.33
N ASN A 136 4.87 -2.08 -19.05
CA ASN A 136 5.62 -1.01 -19.71
C ASN A 136 5.60 -1.18 -21.24
N LYS A 137 4.79 -0.34 -21.88
CA LYS A 137 4.69 -0.34 -23.34
C LYS A 137 4.46 1.08 -23.83
N PRO A 138 4.85 1.38 -25.07
CA PRO A 138 4.41 2.66 -25.64
C PRO A 138 2.89 2.70 -25.69
N ILE A 139 2.31 3.89 -25.70
CA ILE A 139 0.85 4.04 -25.77
C ILE A 139 0.27 3.22 -26.93
N ASP A 140 0.93 3.28 -28.08
CA ASP A 140 0.48 2.52 -29.27
C ASP A 140 0.37 1.02 -29.01
N GLY A 141 1.18 0.53 -28.08
CA GLY A 141 1.30 -0.91 -27.85
C GLY A 141 0.29 -1.54 -26.91
N PHE A 142 -0.33 -0.72 -26.05
CA PHE A 142 -1.22 -1.23 -25.01
C PHE A 142 -2.45 -1.93 -25.56
N THR A 143 -2.75 -3.10 -24.99
CA THR A 143 -3.92 -3.85 -25.42
C THR A 143 -5.07 -3.59 -24.45
N ALA A 144 -6.28 -3.94 -24.88
CA ALA A 144 -7.42 -3.86 -23.99
C ALA A 144 -7.18 -4.69 -22.74
N GLU A 145 -6.53 -5.84 -22.92
CA GLU A 145 -6.22 -6.73 -21.79
C GLU A 145 -5.23 -6.10 -20.84
N ASP A 146 -4.24 -5.38 -21.36
CA ASP A 146 -3.29 -4.64 -20.53
C ASP A 146 -4.03 -3.62 -19.68
N PHE A 147 -4.93 -2.89 -20.33
CA PHE A 147 -5.68 -1.82 -19.67
C PHE A 147 -6.51 -2.42 -18.54
N SER A 148 -7.28 -3.46 -18.86
CA SER A 148 -8.14 -4.10 -17.87
CA SER A 148 -8.14 -4.09 -17.86
C SER A 148 -7.34 -4.62 -16.67
N PHE A 149 -6.19 -5.22 -16.95
CA PHE A 149 -5.35 -5.78 -15.89
C PHE A 149 -4.86 -4.70 -14.92
N LEU A 150 -4.38 -3.59 -15.46
CA LEU A 150 -3.82 -2.52 -14.63
C LEU A 150 -4.92 -1.82 -13.82
N VAL A 151 -6.07 -1.55 -14.44
CA VAL A 151 -7.18 -0.92 -13.71
C VAL A 151 -7.66 -1.82 -12.57
N ALA A 152 -7.78 -3.11 -12.84
CA ALA A 152 -8.28 -4.04 -11.82
C ALA A 152 -7.35 -4.13 -10.62
N VAL A 153 -6.05 -4.25 -10.84
CA VAL A 153 -5.17 -4.52 -9.72
C VAL A 153 -4.71 -3.23 -9.04
N ASN A 154 -4.53 -2.14 -9.81
CA ASN A 154 -4.07 -0.88 -9.21
C ASN A 154 -5.17 0.02 -8.67
N LEU A 155 -6.34 0.00 -9.29
CA LEU A 155 -7.39 0.91 -8.87
C LEU A 155 -8.60 0.21 -8.26
N GLU A 156 -9.21 -0.73 -8.98
CA GLU A 156 -10.45 -1.30 -8.48
C GLU A 156 -10.21 -2.07 -7.18
N SER A 157 -9.08 -2.77 -7.11
CA SER A 157 -8.77 -3.56 -5.93
CA SER A 157 -8.76 -3.56 -5.92
C SER A 157 -8.71 -2.68 -4.68
N ALA A 158 -7.98 -1.57 -4.78
CA ALA A 158 -7.85 -0.65 -3.67
C ALA A 158 -9.21 -0.07 -3.29
N PHE A 159 -9.97 0.36 -4.29
CA PHE A 159 -11.28 0.95 -4.04
C PHE A 159 -12.23 -0.01 -3.33
N HIS A 160 -12.39 -1.22 -3.87
CA HIS A 160 -13.28 -2.20 -3.29
C HIS A 160 -12.83 -2.61 -1.89
N LEU A 161 -11.53 -2.82 -1.69
CA LEU A 161 -11.05 -3.18 -0.37
C LEU A 161 -11.31 -2.06 0.66
N CYS A 162 -11.21 -0.80 0.26
CA CYS A 162 -11.56 0.28 1.18
C CYS A 162 -13.04 0.18 1.58
N GLN A 163 -13.90 -0.07 0.60
CA GLN A 163 -15.32 -0.28 0.87
C GLN A 163 -15.55 -1.41 1.86
N LEU A 164 -14.90 -2.55 1.60
CA LEU A 164 -15.10 -3.74 2.40
C LEU A 164 -14.56 -3.53 3.82
N ALA A 165 -13.46 -2.78 3.91
CA ALA A 165 -12.77 -2.57 5.17
C ALA A 165 -13.38 -1.43 6.00
N HIS A 166 -14.23 -0.61 5.39
CA HIS A 166 -14.77 0.57 6.09
C HIS A 166 -15.42 0.25 7.45
N PRO A 167 -16.29 -0.78 7.52
CA PRO A 167 -16.83 -1.04 8.87
C PRO A 167 -15.76 -1.37 9.91
N MET A 168 -14.76 -2.19 9.56
CA MET A 168 -13.73 -2.57 10.51
C MET A 168 -12.88 -1.35 10.87
N LEU A 169 -12.57 -0.54 9.85
CA LEU A 169 -11.76 0.66 10.08
C LEU A 169 -12.49 1.63 10.99
N LYS A 170 -13.77 1.84 10.72
CA LYS A 170 -14.60 2.70 11.55
C LYS A 170 -14.69 2.18 12.99
N ALA A 171 -14.87 0.87 13.13
CA ALA A 171 -15.01 0.25 14.43
C ALA A 171 -13.75 0.37 15.29
N SER A 172 -12.58 0.48 14.65
CA SER A 172 -11.34 0.57 15.41
C SER A 172 -11.26 1.88 16.19
N GLY A 173 -11.91 2.92 15.67
CA GLY A 173 -11.90 4.22 16.32
C GLY A 173 -10.73 5.09 15.89
N THR A 174 -9.69 4.44 15.34
CA THR A 174 -8.53 5.13 14.79
C THR A 174 -8.06 4.40 13.54
N GLY A 175 -8.52 4.86 12.38
CA GLY A 175 -8.26 4.16 11.14
C GLY A 175 -7.25 4.90 10.28
N SER A 176 -6.40 4.13 9.61
CA SER A 176 -5.44 4.70 8.68
C SER A 176 -5.37 3.85 7.42
N ILE A 177 -5.70 4.44 6.27
CA ILE A 177 -5.53 3.81 4.97
C ILE A 177 -4.32 4.43 4.28
N VAL A 178 -3.41 3.59 3.80
CA VAL A 178 -2.28 4.08 3.02
C VAL A 178 -2.25 3.36 1.68
N HIS A 179 -2.38 4.11 0.60
CA HIS A 179 -2.22 3.55 -0.75
C HIS A 179 -0.77 3.67 -1.17
N ILE A 180 -0.24 2.65 -1.83
CA ILE A 180 1.07 2.81 -2.45
C ILE A 180 0.86 3.18 -3.90
N SER A 181 1.10 4.46 -4.22
CA SER A 181 0.93 4.99 -5.56
CA SER A 181 0.92 4.94 -5.58
C SER A 181 2.24 4.91 -6.35
N SER A 182 2.56 5.97 -7.07
CA SER A 182 3.84 6.09 -7.76
C SER A 182 4.17 7.54 -8.06
N CYS A 183 5.45 7.91 -7.95
CA CYS A 183 5.81 9.29 -8.25
C CYS A 183 5.56 9.62 -9.73
N CYS A 184 5.47 8.59 -10.58
CA CYS A 184 5.28 8.87 -12.00
C CYS A 184 3.82 9.24 -12.33
N ALA A 185 2.96 9.31 -11.31
CA ALA A 185 1.63 9.87 -11.51
C ALA A 185 1.66 11.39 -11.57
N GLN A 186 2.86 11.98 -11.60
CA GLN A 186 2.99 13.45 -11.71
C GLN A 186 3.84 13.89 -12.89
N ILE A 187 4.49 12.93 -13.55
CA ILE A 187 5.39 13.22 -14.67
C ILE A 187 5.19 12.13 -15.73
N ALA A 188 5.83 12.28 -16.89
CA ALA A 188 5.69 11.29 -17.95
C ALA A 188 6.95 10.46 -18.10
N ILE A 189 6.86 9.18 -17.74
CA ILE A 189 7.96 8.26 -17.94
CA ILE A 189 7.94 8.22 -17.92
C ILE A 189 7.63 7.35 -19.12
N PRO A 190 8.59 7.19 -20.05
CA PRO A 190 8.30 6.35 -21.23
C PRO A 190 7.76 4.98 -20.84
N GLY A 191 6.66 4.59 -21.46
CA GLY A 191 6.07 3.27 -21.23
C GLY A 191 5.08 3.16 -20.08
N HIS A 192 4.97 4.21 -19.29
CA HIS A 192 4.17 4.18 -18.07
C HIS A 192 2.74 4.71 -18.20
N SER A 193 2.26 4.95 -19.42
CA SER A 193 1.00 5.68 -19.57
C SER A 193 -0.16 5.10 -18.76
N ILE A 194 -0.56 3.85 -19.00
CA ILE A 194 -1.67 3.33 -18.22
C ILE A 194 -1.33 3.08 -16.75
N TYR A 195 -0.12 2.58 -16.48
CA TYR A 195 0.32 2.41 -15.09
C TYR A 195 0.18 3.74 -14.32
N SER A 196 0.81 4.79 -14.84
CA SER A 196 0.78 6.07 -14.15
C SER A 196 -0.65 6.63 -14.02
N SER A 197 -1.47 6.39 -15.04
CA SER A 197 -2.84 6.89 -15.01
C SER A 197 -3.65 6.20 -13.91
N THR A 198 -3.47 4.88 -13.74
CA THR A 198 -4.16 4.21 -12.64
C THR A 198 -3.65 4.73 -11.28
N LYS A 199 -2.38 5.05 -11.17
CA LYS A 199 -1.87 5.61 -9.91
C LYS A 199 -2.34 7.05 -9.70
N GLY A 200 -2.50 7.80 -10.80
CA GLY A 200 -3.10 9.13 -10.72
C GLY A 200 -4.53 9.04 -10.18
N ALA A 201 -5.24 7.99 -10.57
CA ALA A 201 -6.59 7.80 -10.08
C ALA A 201 -6.58 7.52 -8.57
N ILE A 202 -5.60 6.73 -8.14
CA ILE A 202 -5.42 6.43 -6.71
C ILE A 202 -5.14 7.71 -5.91
N ASN A 203 -4.32 8.58 -6.50
CA ASN A 203 -4.02 9.82 -5.82
C ASN A 203 -5.28 10.63 -5.57
N GLN A 204 -6.18 10.67 -6.55
CA GLN A 204 -7.42 11.41 -6.36
C GLN A 204 -8.33 10.71 -5.36
N LEU A 205 -8.43 9.38 -5.48
CA LEU A 205 -9.27 8.61 -4.56
C LEU A 205 -8.86 8.87 -3.12
N THR A 206 -7.56 9.01 -2.90
CA THR A 206 -7.02 9.38 -1.59
C THR A 206 -7.72 10.62 -1.01
N ARG A 207 -7.88 11.62 -1.86
CA ARG A 207 -8.49 12.87 -1.41
C ARG A 207 -9.96 12.66 -1.07
N ASN A 208 -10.67 11.89 -1.89
CA ASN A 208 -12.08 11.64 -1.60
C ASN A 208 -12.26 10.84 -0.32
N LEU A 209 -11.49 9.76 -0.16
CA LEU A 209 -11.54 8.97 1.07
C LEU A 209 -11.25 9.81 2.32
N ALA A 210 -10.23 10.66 2.21
CA ALA A 210 -9.82 11.48 3.33
C ALA A 210 -10.95 12.36 3.82
N CYS A 211 -11.71 12.91 2.88
CA CYS A 211 -12.75 13.85 3.24
C CYS A 211 -14.06 13.17 3.65
N GLU A 212 -14.45 12.14 2.90
CA GLU A 212 -15.73 11.48 3.16
C GLU A 212 -15.72 10.69 4.47
N TRP A 213 -14.57 10.14 4.83
CA TRP A 213 -14.51 9.31 6.03
C TRP A 213 -13.78 9.95 7.21
N ALA A 214 -13.48 11.25 7.12
CA ALA A 214 -12.88 11.94 8.25
C ALA A 214 -13.75 11.82 9.51
N LYS A 215 -15.05 11.92 9.31
CA LYS A 215 -16.07 11.79 10.35
C LYS A 215 -15.94 10.47 11.16
N ASP A 216 -15.42 9.44 10.52
CA ASP A 216 -15.26 8.13 11.13
C ASP A 216 -13.87 7.95 11.76
N ASN A 217 -13.18 9.08 11.91
CA ASN A 217 -11.78 9.15 12.39
CA ASN A 217 -11.81 9.09 12.44
C ASN A 217 -10.87 8.22 11.61
N ILE A 218 -11.11 8.16 10.31
CA ILE A 218 -10.24 7.45 9.39
C ILE A 218 -9.45 8.43 8.55
N ARG A 219 -8.13 8.27 8.53
CA ARG A 219 -7.26 9.04 7.64
C ARG A 219 -6.83 8.21 6.43
N THR A 220 -6.67 8.88 5.30
CA THR A 220 -6.22 8.19 4.08
C THR A 220 -5.12 9.00 3.44
N ASN A 221 -3.99 8.35 3.13
CA ASN A 221 -2.89 9.05 2.46
C ASN A 221 -2.28 8.14 1.42
N SER A 222 -1.51 8.72 0.51
CA SER A 222 -0.81 7.96 -0.52
CA SER A 222 -0.80 7.92 -0.49
C SER A 222 0.70 8.17 -0.41
N ILE A 223 1.47 7.11 -0.55
CA ILE A 223 2.91 7.22 -0.65
C ILE A 223 3.26 6.94 -2.10
N ALA A 224 4.01 7.84 -2.73
CA ALA A 224 4.33 7.72 -4.15
C ALA A 224 5.81 7.46 -4.35
N PRO A 225 6.21 6.19 -4.40
CA PRO A 225 7.63 5.90 -4.52
C PRO A 225 8.20 6.23 -5.90
N GLY A 226 9.47 6.63 -5.94
CA GLY A 226 10.22 6.58 -7.18
C GLY A 226 10.67 5.15 -7.44
N ALA A 227 11.70 4.97 -8.25
CA ALA A 227 12.23 3.62 -8.48
C ALA A 227 12.79 3.06 -7.18
N ILE A 228 12.31 1.88 -6.80
CA ILE A 228 12.74 1.19 -5.59
C ILE A 228 13.27 -0.20 -5.94
N ARG A 229 14.37 -0.61 -5.30
CA ARG A 229 14.91 -1.95 -5.51
C ARG A 229 14.00 -3.05 -4.97
N THR A 230 13.38 -3.81 -5.88
CA THR A 230 12.42 -4.85 -5.52
C THR A 230 12.52 -6.02 -6.50
N PRO A 231 11.99 -7.20 -6.11
CA PRO A 231 11.92 -8.28 -7.10
C PRO A 231 11.15 -7.87 -8.34
N GLY A 232 10.12 -7.04 -8.17
CA GLY A 232 9.36 -6.47 -9.27
C GLY A 232 10.20 -5.65 -10.24
N THR A 233 11.12 -4.83 -9.73
CA THR A 233 12.02 -4.09 -10.61
C THR A 233 13.21 -4.96 -11.01
N ASP A 244 19.11 2.84 -15.13
CA ASP A 244 20.15 3.56 -15.86
C ASP A 244 19.79 5.04 -16.02
N ARG A 245 18.73 5.33 -16.79
CA ARG A 245 18.35 6.70 -17.06
C ARG A 245 17.57 7.26 -15.89
N GLU A 246 16.88 6.39 -15.16
CA GLU A 246 16.16 6.80 -13.96
C GLU A 246 17.08 7.40 -12.90
N VAL A 247 18.16 6.69 -12.58
CA VAL A 247 19.05 7.14 -11.52
C VAL A 247 19.80 8.42 -11.93
N SER A 248 19.97 8.62 -13.25
CA SER A 248 20.54 9.88 -13.73
C SER A 248 19.61 11.05 -13.41
N ARG A 249 18.32 10.76 -13.28
CA ARG A 249 17.31 11.78 -13.02
C ARG A 249 17.07 12.02 -11.53
N VAL A 250 17.64 11.15 -10.70
CA VAL A 250 17.49 11.25 -9.26
C VAL A 250 18.65 12.07 -8.70
N PRO A 251 18.35 13.19 -8.03
CA PRO A 251 19.42 13.99 -7.42
C PRO A 251 20.37 13.13 -6.59
N PHE A 252 19.81 12.18 -5.82
CA PHE A 252 20.62 11.29 -4.98
C PHE A 252 21.46 10.28 -5.78
N GLY A 253 21.12 10.09 -7.06
CA GLY A 253 21.92 9.23 -7.91
C GLY A 253 21.82 7.76 -7.57
N ARG A 254 20.73 7.37 -6.92
CA ARG A 254 20.54 5.97 -6.56
C ARG A 254 19.05 5.66 -6.50
N ILE A 255 18.70 4.39 -6.64
CA ILE A 255 17.32 3.99 -6.43
C ILE A 255 17.08 3.84 -4.94
N GLY A 256 15.83 3.78 -4.53
CA GLY A 256 15.49 3.66 -3.14
C GLY A 256 15.44 2.21 -2.67
N GLU A 257 15.38 2.03 -1.36
CA GLU A 257 15.26 0.71 -0.75
C GLU A 257 13.85 0.52 -0.20
N PRO A 258 13.36 -0.74 -0.14
CA PRO A 258 11.99 -0.95 0.36
C PRO A 258 11.73 -0.30 1.73
N GLU A 259 12.68 -0.35 2.65
CA GLU A 259 12.45 0.24 3.96
C GLU A 259 12.32 1.77 3.93
N GLU A 260 12.77 2.41 2.86
CA GLU A 260 12.64 3.87 2.75
C GLU A 260 11.21 4.28 2.42
N VAL A 261 10.42 3.32 1.97
CA VAL A 261 8.99 3.51 1.78
C VAL A 261 8.23 3.02 3.01
N ALA A 262 8.65 1.87 3.54
CA ALA A 262 7.99 1.24 4.68
C ALA A 262 7.99 2.14 5.93
N SER A 263 9.07 2.88 6.16
CA SER A 263 9.14 3.77 7.31
CA SER A 263 9.13 3.76 7.32
C SER A 263 8.01 4.79 7.29
N LEU A 264 7.82 5.43 6.14
CA LEU A 264 6.77 6.43 6.03
C LEU A 264 5.39 5.80 6.17
N ALA A 265 5.20 4.59 5.65
CA ALA A 265 3.92 3.91 5.81
C ALA A 265 3.59 3.70 7.30
N ALA A 266 4.59 3.27 8.08
CA ALA A 266 4.38 3.08 9.50
C ALA A 266 4.11 4.41 10.20
N PHE A 267 4.86 5.45 9.83
CA PHE A 267 4.66 6.76 10.45
C PHE A 267 3.24 7.28 10.24
N LEU A 268 2.75 7.12 9.01
CA LEU A 268 1.42 7.64 8.67
C LEU A 268 0.30 6.95 9.44
N CYS A 269 0.58 5.77 9.98
CA CYS A 269 -0.40 5.03 10.77
C CYS A 269 -0.33 5.32 12.27
N MET A 270 0.71 6.00 12.70
CA MET A 270 0.91 6.33 14.12
C MET A 270 0.03 7.49 14.58
N PRO A 271 -0.24 7.56 15.90
CA PRO A 271 -1.00 8.69 16.44
C PRO A 271 -0.33 10.03 16.14
N SER A 272 0.99 9.99 15.94
CA SER A 272 1.75 11.20 15.62
C SER A 272 1.32 11.84 14.29
N ALA A 273 0.68 11.07 13.42
CA ALA A 273 0.23 11.54 12.12
C ALA A 273 -1.25 11.94 12.10
N SER A 274 -1.82 12.19 13.28
CA SER A 274 -3.26 12.39 13.43
C SER A 274 -3.85 13.59 12.66
N TYR A 275 -3.02 14.54 12.24
CA TYR A 275 -3.52 15.67 11.45
C TYR A 275 -3.04 15.60 10.01
N ILE A 276 -2.60 14.42 9.58
CA ILE A 276 -2.16 14.24 8.20
C ILE A 276 -3.14 13.34 7.47
N THR A 277 -3.84 13.91 6.50
CA THR A 277 -4.80 13.13 5.72
C THR A 277 -5.00 13.78 4.35
N GLY A 278 -5.23 12.94 3.35
CA GLY A 278 -5.49 13.41 1.98
C GLY A 278 -4.24 13.76 1.19
N GLN A 279 -3.08 13.40 1.73
CA GLN A 279 -1.80 13.79 1.12
C GLN A 279 -1.24 12.73 0.21
N VAL A 280 -0.51 13.18 -0.80
CA VAL A 280 0.27 12.29 -1.67
C VAL A 280 1.74 12.67 -1.46
N ILE A 281 2.50 11.78 -0.84
CA ILE A 281 3.88 12.10 -0.42
C ILE A 281 4.85 11.29 -1.26
N CYS A 282 5.70 11.96 -2.06
CA CYS A 282 6.65 11.24 -2.89
C CYS A 282 7.85 10.83 -2.08
N VAL A 283 8.26 9.58 -2.28
CA VAL A 283 9.48 9.05 -1.70
C VAL A 283 10.36 8.65 -2.88
N ASP A 284 11.12 9.62 -3.40
CA ASP A 284 11.76 9.45 -4.70
C ASP A 284 13.12 10.13 -4.81
N GLY A 285 13.73 10.47 -3.68
CA GLY A 285 15.03 11.12 -3.68
C GLY A 285 15.08 12.40 -4.52
N GLY A 286 13.92 13.01 -4.73
CA GLY A 286 13.84 14.27 -5.44
C GLY A 286 13.60 14.12 -6.93
N ARG A 287 13.33 12.90 -7.37
CA ARG A 287 13.16 12.59 -8.79
C ARG A 287 12.18 13.51 -9.52
N THR A 288 11.00 13.71 -8.94
CA THR A 288 9.93 14.41 -9.65
C THR A 288 10.11 15.92 -9.68
N ILE A 289 10.90 16.46 -8.76
CA ILE A 289 11.07 17.91 -8.75
C ILE A 289 12.42 18.34 -9.32
N ASN A 290 13.22 17.37 -9.74
CA ASN A 290 14.52 17.66 -10.36
C ASN A 290 14.36 18.13 -11.80
N GLY A 291 14.99 19.26 -12.13
CA GLY A 291 14.97 19.77 -13.48
C GLY A 291 15.73 18.87 -14.43
PA NAP B . 6.83 -6.60 -6.03
O1A NAP B . 6.55 -7.26 -7.29
O2A NAP B . 8.21 -6.58 -5.60
O5B NAP B . 5.96 -7.22 -4.89
C5B NAP B . 4.56 -7.33 -5.12
C4B NAP B . 3.82 -8.09 -4.05
O4B NAP B . 2.43 -8.08 -4.32
C3B NAP B . 4.23 -9.54 -4.07
O3B NAP B . 4.02 -10.00 -2.77
C2B NAP B . 3.16 -10.15 -4.93
O2B NAP B . 3.05 -11.53 -4.73
C1B NAP B . 1.94 -9.39 -4.49
N9A NAP B . 0.90 -9.33 -5.51
C8A NAP B . 1.03 -8.92 -6.76
N7A NAP B . -0.13 -8.96 -7.40
C5A NAP B . -1.03 -9.37 -6.53
C6A NAP B . -2.45 -9.63 -6.56
N6A NAP B . -3.13 -9.44 -7.69
N1A NAP B . -3.02 -10.05 -5.45
C2A NAP B . -2.32 -10.25 -4.34
N3A NAP B . -1.02 -10.02 -4.24
C4A NAP B . -0.34 -9.61 -5.29
O3 NAP B . 6.13 -5.16 -6.15
PN NAP B . 6.71 -3.82 -5.58
O1N NAP B . 7.67 -3.34 -6.51
O2N NAP B . 7.09 -3.98 -4.19
O5D NAP B . 5.54 -2.78 -5.58
C5D NAP B . 4.66 -2.54 -4.52
C4D NAP B . 3.76 -1.33 -4.83
O4D NAP B . 4.62 -0.25 -5.07
C3D NAP B . 2.91 -1.51 -6.06
O3D NAP B . 1.65 -0.88 -5.87
C2D NAP B . 3.74 -0.82 -7.12
O2D NAP B . 2.99 -0.32 -8.18
C1D NAP B . 4.33 0.31 -6.32
N1N NAP B . 5.53 0.93 -6.84
C2N NAP B . 6.68 0.28 -6.95
C3N NAP B . 7.80 0.91 -7.44
C7N NAP B . 9.10 0.18 -7.57
O7N NAP B . 9.99 0.71 -8.14
N7N NAP B . 9.19 -1.01 -7.09
C4N NAP B . 7.73 2.23 -7.80
C5N NAP B . 6.54 2.89 -7.65
C6N NAP B . 5.46 2.20 -7.16
P2B NAP B . 2.43 -12.47 -5.83
O1X NAP B . 1.02 -12.34 -5.72
O2X NAP B . 2.92 -13.74 -5.33
O3X NAP B . 2.99 -12.10 -7.11
#